data_5BW7
#
_entry.id   5BW7
#
_cell.length_a   77.273
_cell.length_b   77.273
_cell.length_c   350.983
_cell.angle_alpha   90.00
_cell.angle_beta   90.00
_cell.angle_gamma   90.00
#
_symmetry.space_group_name_H-M   'P 41 21 2'
#
loop_
_entity.id
_entity.type
_entity.pdbx_description
1 polymer 'Ig gamma-1 chain C region'
2 polymer 'Low affinity immunoglobulin gamma Fc region receptor III-A'
3 branched beta-D-galactopyranose-(1-4)-2-acetamido-2-deoxy-beta-D-glucopyranose-(1-2)-alpha-D-mannopyranose-(1-6)-[2-acetamido-2-deoxy-beta-D-glucopyranose-(1-2)-alpha-D-mannopyranose-(1-3)]beta-D-mannopyranose-(1-4)-2-acetamido-2-deoxy-beta-D-glucopyranose-(1-4)-2-acetamido-2-deoxy-beta-D-glucopyranose
4 branched 2-acetamido-2-deoxy-beta-D-glucopyranose-(1-2)-alpha-D-mannopyranose-(1-3)-[2-acetamido-2-deoxy-beta-D-glucopyranose-(1-2)-alpha-D-mannopyranose-(1-6)]beta-D-mannopyranose-(1-4)-2-acetamido-2-deoxy-beta-D-glucopyranose-(1-4)-2-acetamido-2-deoxy-beta-D-glucopyranose
5 branched 2-acetamido-2-deoxy-beta-D-glucopyranose-(1-2)-alpha-D-mannopyranose-(1-6)-[alpha-D-mannopyranose-(1-3)]beta-D-mannopyranose-(1-4)-2-acetamido-2-deoxy-beta-D-glucopyranose-(1-4)-[alpha-L-fucopyranose-(1-6)]2-acetamido-2-deoxy-beta-D-glucopyranose
6 branched 2-acetamido-2-deoxy-beta-D-glucopyranose-(1-2)-alpha-D-mannopyranose-(1-3)-beta-D-mannopyranose-(1-4)-2-acetamido-2-deoxy-beta-D-glucopyranose-(1-4)-2-acetamido-2-deoxy-beta-D-glucopyranose
7 non-polymer 'CHLORIDE ION'
8 water water
#
loop_
_entity_poly.entity_id
_entity_poly.type
_entity_poly.pdbx_seq_one_letter_code
_entity_poly.pdbx_strand_id
1 'polypeptide(L)'
;TCPPCPAPELLGGPSVFLFPPKPKDTLMISRTPEVTCVVVDVSHEDPEVKFNWYVDGVEVHNAKTKPREEQWNSTYRVVS
VLTVLHQDWLNGKEYKCKVSNKALPAPIEKTISKAKGQPREPQVYTLPPSRDELTKNQVSLTCLVKGFYPSDIAVEWESN
GQPENNYKTTPPVLDSDGSFFLYSKLTVDKSRWQQGNVFSCSVMHEALHNHYTQKSLSLSPGK
;
A,B
2 'polypeptide(L)'
;EDLPKAVVFLEPQWYRVLEKDSVTLKCQGAYSPEDQSTQWFHNESLISSQASSYFIDAATVDDSGEYRCQTQLSTLSDPV
QLEVHIGWLLLQAPRWVFKEEDPIHLRCHSWKNTALHKVTYLQNGKGRKYFHHNSDFYIPKATLKDSGSYFCRGLVGSKN
VSSETVQITITQGHHHHHH
;
C
#
# COMPACT_ATOMS: atom_id res chain seq x y z
N GLU A 9 1.55 -20.44 -7.21
CA GLU A 9 0.63 -19.30 -7.58
C GLU A 9 0.42 -19.14 -9.11
N LEU A 10 -0.85 -18.95 -9.51
CA LEU A 10 -1.30 -18.61 -10.89
C LEU A 10 -0.52 -17.44 -11.51
N LEU A 11 0.40 -17.72 -12.43
CA LEU A 11 1.24 -16.65 -12.96
C LEU A 11 1.08 -16.54 -14.46
N GLY A 12 0.60 -15.38 -14.92
CA GLY A 12 0.48 -15.10 -16.33
C GLY A 12 -0.95 -15.28 -16.80
N GLY A 13 -1.82 -14.33 -16.47
CA GLY A 13 -3.22 -14.39 -16.86
C GLY A 13 -4.06 -13.33 -16.18
N PRO A 14 -5.28 -13.09 -16.69
CA PRO A 14 -6.15 -12.14 -16.00
C PRO A 14 -6.33 -12.49 -14.53
N SER A 15 -6.80 -11.51 -13.77
CA SER A 15 -6.97 -11.68 -12.33
C SER A 15 -8.35 -11.24 -11.92
N VAL A 16 -8.80 -11.79 -10.79
CA VAL A 16 -10.16 -11.55 -10.32
C VAL A 16 -10.25 -10.94 -8.93
N PHE A 17 -11.12 -9.95 -8.80
CA PHE A 17 -11.34 -9.32 -7.52
C PHE A 17 -12.81 -9.19 -7.24
N LEU A 18 -13.22 -9.73 -6.09
CA LEU A 18 -14.62 -9.77 -5.73
C LEU A 18 -14.90 -8.89 -4.52
N PHE A 19 -15.90 -8.01 -4.65
CA PHE A 19 -16.17 -6.98 -3.64
C PHE A 19 -17.51 -7.15 -2.97
N PRO A 20 -17.59 -6.88 -1.67
CA PRO A 20 -18.87 -6.99 -0.98
C PRO A 20 -19.72 -5.75 -1.20
N PRO A 21 -20.98 -5.80 -0.74
CA PRO A 21 -21.85 -4.64 -0.86
C PRO A 21 -21.59 -3.67 0.27
N LYS A 22 -21.98 -2.42 0.10
CA LYS A 22 -21.88 -1.45 1.17
C LYS A 22 -22.76 -1.96 2.27
N PRO A 23 -22.30 -1.88 3.51
CA PRO A 23 -23.14 -2.15 4.64
C PRO A 23 -24.47 -1.39 4.64
N LYS A 24 -24.43 -0.07 4.46
CA LYS A 24 -25.65 0.71 4.47
C LYS A 24 -26.70 0.12 3.54
N ASP A 25 -26.25 -0.44 2.41
CA ASP A 25 -27.14 -1.08 1.44
C ASP A 25 -27.71 -2.40 1.97
N THR A 26 -26.91 -3.16 2.72
CA THR A 26 -27.42 -4.44 3.26
C THR A 26 -28.46 -4.20 4.33
N LEU A 27 -28.51 -2.99 4.89
CA LEU A 27 -29.34 -2.77 6.05
C LEU A 27 -30.68 -2.12 5.73
N MET A 28 -30.66 -1.01 5.01
CA MET A 28 -31.90 -0.33 4.62
C MET A 28 -32.56 -1.08 3.46
N ILE A 29 -33.88 -1.19 3.48
CA ILE A 29 -34.63 -1.91 2.43
C ILE A 29 -34.89 -1.01 1.20
N SER A 30 -34.91 0.31 1.43
CA SER A 30 -34.99 1.28 0.36
C SER A 30 -33.79 1.25 -0.60
N ARG A 31 -32.72 0.55 -0.23
CA ARG A 31 -31.49 0.52 -1.03
C ARG A 31 -31.24 -0.86 -1.64
N THR A 32 -30.35 -0.92 -2.63
CA THR A 32 -30.13 -2.15 -3.37
C THR A 32 -28.69 -2.51 -3.32
N PRO A 33 -28.36 -3.54 -2.55
CA PRO A 33 -27.01 -3.99 -2.36
C PRO A 33 -26.55 -4.90 -3.51
N GLU A 34 -25.24 -4.90 -3.79
CA GLU A 34 -24.66 -5.59 -4.95
C GLU A 34 -23.35 -6.21 -4.54
N VAL A 35 -23.07 -7.39 -5.06
CA VAL A 35 -21.73 -7.97 -5.01
C VAL A 35 -21.06 -7.68 -6.35
N THR A 36 -19.83 -7.15 -6.33
CA THR A 36 -19.18 -6.78 -7.57
C THR A 36 -17.92 -7.59 -7.93
N CYS A 37 -17.95 -8.23 -9.09
CA CYS A 37 -16.85 -9.07 -9.57
C CYS A 37 -16.04 -8.40 -10.68
N VAL A 38 -14.85 -7.90 -10.35
CA VAL A 38 -13.98 -7.24 -11.33
C VAL A 38 -12.90 -8.17 -11.84
N VAL A 39 -12.76 -8.21 -13.16
CA VAL A 39 -11.73 -8.98 -13.84
C VAL A 39 -10.80 -8.01 -14.55
N VAL A 40 -9.51 -8.12 -14.26
CA VAL A 40 -8.48 -7.29 -14.94
C VAL A 40 -7.41 -8.12 -15.65
N ASP A 41 -6.55 -7.41 -16.39
CA ASP A 41 -5.40 -8.02 -17.08
C ASP A 41 -5.91 -9.05 -18.09
N VAL A 42 -6.91 -8.60 -18.85
CA VAL A 42 -7.52 -9.34 -19.94
C VAL A 42 -6.88 -8.81 -21.20
N SER A 43 -6.33 -9.70 -22.03
CA SER A 43 -5.65 -9.31 -23.26
C SER A 43 -6.62 -9.02 -24.39
N HIS A 44 -6.16 -8.23 -25.36
CA HIS A 44 -6.86 -8.09 -26.64
C HIS A 44 -6.87 -9.39 -27.43
N GLU A 45 -5.84 -10.21 -27.23
CA GLU A 45 -5.71 -11.49 -27.94
C GLU A 45 -6.83 -12.44 -27.49
N ASP A 46 -7.11 -12.53 -26.20
CA ASP A 46 -8.24 -13.33 -25.75
C ASP A 46 -9.16 -12.53 -24.81
N PRO A 47 -9.98 -11.63 -25.37
CA PRO A 47 -10.75 -10.66 -24.59
C PRO A 47 -12.11 -11.16 -24.02
N GLU A 48 -12.52 -12.39 -24.36
CA GLU A 48 -13.84 -12.87 -24.01
C GLU A 48 -13.78 -13.46 -22.62
N VAL A 49 -14.73 -13.07 -21.77
CA VAL A 49 -14.71 -13.44 -20.36
C VAL A 49 -16.07 -13.98 -19.93
N LYS A 50 -16.09 -15.21 -19.40
CA LYS A 50 -17.32 -15.86 -18.93
C LYS A 50 -17.47 -15.80 -17.40
N PHE A 51 -18.57 -15.19 -16.97
CA PHE A 51 -18.94 -15.09 -15.57
C PHE A 51 -19.99 -16.11 -15.16
N ASN A 52 -19.64 -17.00 -14.24
CA ASN A 52 -20.61 -17.92 -13.62
C ASN A 52 -20.83 -17.53 -12.14
N TRP A 53 -22.05 -17.17 -11.75
CA TRP A 53 -22.36 -16.70 -10.39
C TRP A 53 -23.14 -17.68 -9.52
N TYR A 54 -22.51 -18.22 -8.47
CA TYR A 54 -23.14 -19.21 -7.57
C TYR A 54 -23.53 -18.63 -6.17
N VAL A 55 -24.72 -18.98 -5.67
CA VAL A 55 -25.17 -18.68 -4.29
C VAL A 55 -25.22 -19.97 -3.43
N ASP A 56 -24.39 -20.01 -2.38
CA ASP A 56 -24.27 -21.22 -1.56
C ASP A 56 -23.91 -22.49 -2.37
N GLY A 57 -23.68 -22.35 -3.67
CA GLY A 57 -23.47 -23.48 -4.57
C GLY A 57 -24.52 -23.51 -5.69
N VAL A 58 -25.68 -22.93 -5.43
CA VAL A 58 -26.78 -22.87 -6.41
C VAL A 58 -26.46 -21.86 -7.51
N GLU A 59 -26.18 -22.30 -8.73
CA GLU A 59 -25.93 -21.32 -9.79
C GLU A 59 -27.13 -20.40 -9.87
N VAL A 60 -26.84 -19.11 -10.09
CA VAL A 60 -27.85 -18.07 -10.25
C VAL A 60 -27.49 -17.32 -11.51
N HIS A 61 -28.50 -16.75 -12.17
CA HIS A 61 -28.30 -15.95 -13.39
C HIS A 61 -28.70 -14.55 -13.00
N ASN A 62 -29.36 -13.78 -13.86
CA ASN A 62 -29.76 -12.37 -13.51
C ASN A 62 -28.66 -11.34 -13.09
N ALA A 63 -27.37 -11.73 -13.15
CA ALA A 63 -26.25 -10.79 -12.93
C ALA A 63 -26.07 -9.93 -14.16
N LYS A 64 -25.95 -8.62 -13.99
CA LYS A 64 -25.81 -7.67 -15.10
C LYS A 64 -24.34 -7.39 -15.33
N THR A 65 -23.81 -7.93 -16.44
CA THR A 65 -22.39 -7.80 -16.87
C THR A 65 -22.19 -6.63 -17.83
N LYS A 66 -21.17 -5.79 -17.65
CA LYS A 66 -21.00 -4.61 -18.52
C LYS A 66 -19.98 -4.89 -19.61
N PRO A 67 -20.08 -4.17 -20.74
CA PRO A 67 -19.14 -4.49 -21.79
C PRO A 67 -17.74 -4.07 -21.33
N ARG A 68 -16.75 -4.81 -21.79
CA ARG A 68 -15.33 -4.51 -21.51
C ARG A 68 -14.89 -3.07 -21.85
N GLU A 69 -14.05 -2.53 -20.98
CA GLU A 69 -13.56 -1.19 -21.14
C GLU A 69 -12.03 -1.18 -21.32
N GLU A 70 -11.54 -0.44 -22.32
CA GLU A 70 -10.10 -0.38 -22.64
C GLU A 70 -9.49 0.37 -21.52
N GLN A 71 -8.32 -0.06 -21.04
CA GLN A 71 -7.63 0.61 -19.92
C GLN A 71 -6.40 1.34 -20.42
N TRP A 72 -5.97 2.31 -19.63
CA TRP A 72 -4.79 3.07 -19.97
C TRP A 72 -3.65 2.15 -20.33
N ASN A 73 -3.44 1.10 -19.53
CA ASN A 73 -2.28 0.23 -19.71
C ASN A 73 -2.47 -0.75 -20.87
N SER A 74 -3.57 -0.53 -21.62
CA SER A 74 -3.89 -1.26 -22.84
C SER A 74 -4.41 -2.67 -22.56
N THR A 75 -4.78 -2.94 -21.31
CA THR A 75 -5.55 -4.14 -20.98
C THR A 75 -7.00 -3.80 -20.95
N TYR A 76 -7.79 -4.85 -20.79
CA TYR A 76 -9.23 -4.72 -20.66
C TYR A 76 -9.65 -5.00 -19.23
N ARG A 77 -10.64 -4.24 -18.76
CA ARG A 77 -11.31 -4.46 -17.47
C ARG A 77 -12.76 -4.80 -17.74
N VAL A 78 -13.27 -5.79 -17.00
CA VAL A 78 -14.66 -6.26 -17.15
C VAL A 78 -15.32 -6.46 -15.80
N VAL A 79 -16.56 -5.99 -15.67
CA VAL A 79 -17.31 -6.06 -14.39
C VAL A 79 -18.69 -6.72 -14.53
N SER A 80 -18.95 -7.72 -13.69
CA SER A 80 -20.30 -8.30 -13.51
C SER A 80 -20.88 -7.99 -12.11
N VAL A 81 -22.11 -7.49 -12.05
CA VAL A 81 -22.69 -7.00 -10.78
C VAL A 81 -23.92 -7.81 -10.42
N LEU A 82 -23.83 -8.62 -9.38
CA LEU A 82 -24.97 -9.41 -8.89
C LEU A 82 -25.78 -8.56 -7.93
N THR A 83 -27.09 -8.46 -8.13
CA THR A 83 -27.93 -7.85 -7.10
C THR A 83 -28.18 -8.91 -6.02
N VAL A 84 -28.23 -8.45 -4.77
CA VAL A 84 -28.34 -9.36 -3.61
C VAL A 84 -29.59 -9.04 -2.78
N LEU A 85 -30.17 -10.08 -2.17
CA LEU A 85 -31.36 -9.89 -1.32
C LEU A 85 -30.87 -9.61 0.09
N HIS A 86 -31.30 -8.49 0.66
CA HIS A 86 -30.71 -7.98 1.90
C HIS A 86 -30.60 -9.10 2.89
N GLN A 87 -31.69 -9.85 3.02
CA GLN A 87 -31.75 -10.93 3.96
C GLN A 87 -30.66 -11.95 3.68
N ASP A 88 -30.54 -12.39 2.44
CA ASP A 88 -29.51 -13.39 2.06
C ASP A 88 -28.11 -13.11 2.63
N TRP A 89 -27.59 -11.91 2.37
CA TRP A 89 -26.26 -11.50 2.80
C TRP A 89 -26.08 -11.63 4.32
N LEU A 90 -27.07 -11.14 5.06
CA LEU A 90 -27.05 -11.14 6.53
C LEU A 90 -27.13 -12.55 7.12
N ASN A 91 -28.07 -13.37 6.61
CA ASN A 91 -28.15 -14.77 7.02
C ASN A 91 -26.85 -15.50 6.65
N GLY A 92 -26.04 -14.83 5.83
CA GLY A 92 -24.63 -15.16 5.67
C GLY A 92 -24.38 -16.02 4.47
N LYS A 93 -25.22 -15.90 3.45
CA LYS A 93 -25.06 -16.74 2.31
C LYS A 93 -23.76 -16.41 1.58
N GLU A 94 -23.09 -17.45 1.09
CA GLU A 94 -21.81 -17.31 0.38
C GLU A 94 -22.07 -16.93 -1.06
N TYR A 95 -21.20 -16.09 -1.60
CA TYR A 95 -21.33 -15.58 -2.97
C TYR A 95 -20.05 -15.87 -3.75
N LYS A 96 -20.24 -16.45 -4.95
CA LYS A 96 -19.15 -17.01 -5.78
C LYS A 96 -19.16 -16.44 -7.20
N CYS A 97 -17.98 -16.03 -7.64
CA CYS A 97 -17.78 -15.52 -8.99
C CYS A 97 -16.79 -16.42 -9.69
N LYS A 98 -17.24 -17.07 -10.75
CA LYS A 98 -16.40 -17.95 -11.52
C LYS A 98 -16.14 -17.28 -12.86
N VAL A 99 -14.86 -17.05 -13.12
CA VAL A 99 -14.38 -16.31 -14.30
C VAL A 99 -13.66 -17.27 -15.21
N SER A 100 -14.14 -17.38 -16.45
CA SER A 100 -13.47 -18.26 -17.40
C SER A 100 -12.92 -17.44 -18.57
N ASN A 101 -11.76 -17.85 -19.06
CA ASN A 101 -11.07 -17.16 -20.15
C ASN A 101 -9.99 -18.05 -20.69
N LYS A 102 -9.80 -18.00 -22.01
CA LYS A 102 -8.81 -18.85 -22.71
C LYS A 102 -7.40 -18.78 -22.11
N ALA A 103 -6.93 -17.55 -21.87
CA ALA A 103 -5.63 -17.32 -21.23
C ALA A 103 -5.45 -18.08 -19.90
N LEU A 104 -6.56 -18.38 -19.22
CA LEU A 104 -6.52 -19.07 -17.94
C LEU A 104 -6.38 -20.56 -18.12
N PRO A 105 -5.31 -21.15 -17.55
CA PRO A 105 -5.24 -22.61 -17.68
C PRO A 105 -6.50 -23.21 -17.10
N ALA A 106 -6.78 -22.91 -15.83
CA ALA A 106 -8.07 -23.28 -15.19
C ALA A 106 -8.82 -22.00 -14.77
N PRO A 107 -10.16 -22.04 -14.76
CA PRO A 107 -10.97 -20.87 -14.38
C PRO A 107 -10.73 -20.43 -12.94
N ILE A 108 -11.09 -19.21 -12.65
CA ILE A 108 -10.77 -18.64 -11.36
C ILE A 108 -12.04 -18.51 -10.56
N GLU A 109 -11.97 -18.89 -9.28
CA GLU A 109 -13.10 -18.84 -8.38
C GLU A 109 -12.78 -17.99 -7.17
N LYS A 110 -13.66 -17.03 -6.87
CA LYS A 110 -13.58 -16.25 -5.63
C LYS A 110 -14.89 -16.35 -4.85
N THR A 111 -14.76 -16.34 -3.53
CA THR A 111 -15.90 -16.38 -2.62
C THR A 111 -15.76 -15.26 -1.59
N ILE A 112 -16.89 -14.67 -1.23
CA ILE A 112 -16.99 -13.80 -0.05
C ILE A 112 -18.37 -13.92 0.59
N SER A 113 -18.50 -13.37 1.80
CA SER A 113 -19.73 -13.41 2.57
C SER A 113 -19.61 -12.50 3.76
N LYS A 114 -20.72 -12.20 4.43
CA LYS A 114 -20.62 -11.46 5.69
C LYS A 114 -19.63 -12.11 6.68
N ALA A 115 -18.91 -11.29 7.44
CA ALA A 115 -18.01 -11.82 8.47
C ALA A 115 -18.77 -12.75 9.41
N LYS A 116 -18.15 -13.87 9.77
CA LYS A 116 -18.79 -14.80 10.72
C LYS A 116 -18.63 -14.30 12.17
N GLY A 117 -19.45 -14.84 13.07
CA GLY A 117 -19.42 -14.45 14.47
C GLY A 117 -20.72 -13.83 14.96
N GLN A 118 -20.90 -13.86 16.28
CA GLN A 118 -22.18 -13.54 16.89
C GLN A 118 -22.39 -12.04 16.79
N PRO A 119 -23.52 -11.65 16.20
CA PRO A 119 -23.82 -10.23 16.10
C PRO A 119 -23.97 -9.62 17.48
N ARG A 120 -23.59 -8.35 17.65
CA ARG A 120 -23.67 -7.66 18.94
C ARG A 120 -24.07 -6.20 18.78
N GLU A 121 -25.07 -5.78 19.54
CA GLU A 121 -25.73 -4.49 19.39
C GLU A 121 -24.83 -3.34 19.78
N PRO A 122 -24.59 -2.37 18.85
CA PRO A 122 -23.81 -1.20 19.26
C PRO A 122 -24.58 -0.42 20.29
N GLN A 123 -23.83 0.21 21.20
CA GLN A 123 -24.32 1.29 22.03
C GLN A 123 -23.83 2.60 21.41
N VAL A 124 -24.60 3.65 21.61
CA VAL A 124 -24.37 4.92 20.96
C VAL A 124 -24.54 6.01 21.99
N TYR A 125 -23.48 6.76 22.24
CA TYR A 125 -23.54 7.86 23.19
C TYR A 125 -22.99 9.11 22.54
N THR A 126 -23.61 10.24 22.83
CA THR A 126 -23.19 11.49 22.24
C THR A 126 -22.50 12.40 23.27
N LEU A 127 -21.40 13.04 22.86
CA LEU A 127 -20.60 13.83 23.78
C LEU A 127 -20.53 15.25 23.30
N PRO A 128 -21.01 16.19 24.11
CA PRO A 128 -20.89 17.58 23.73
C PRO A 128 -19.42 17.99 23.66
N PRO A 129 -19.14 19.21 23.19
CA PRO A 129 -17.78 19.68 23.15
C PRO A 129 -17.25 19.88 24.53
N SER A 130 -15.94 19.71 24.68
CA SER A 130 -15.29 20.15 25.89
C SER A 130 -15.41 21.66 26.01
N ARG A 131 -15.77 22.11 27.22
CA ARG A 131 -15.64 23.50 27.66
C ARG A 131 -14.39 24.21 27.06
N ASP A 132 -13.24 23.56 27.06
CA ASP A 132 -12.01 24.18 26.56
C ASP A 132 -12.12 24.63 25.09
N GLU A 133 -12.85 23.86 24.31
CA GLU A 133 -13.03 24.11 22.87
C GLU A 133 -13.99 25.31 22.60
N LEU A 134 -14.92 25.57 23.53
CA LEU A 134 -15.88 26.67 23.37
C LEU A 134 -15.23 28.03 23.10
N THR A 135 -13.91 28.12 23.29
CA THR A 135 -13.05 29.21 22.82
C THR A 135 -13.06 29.40 21.31
N LYS A 136 -13.16 28.33 20.54
CA LYS A 136 -12.83 28.38 19.10
C LYS A 136 -13.99 28.82 18.20
N ASN A 137 -13.72 29.03 16.92
CA ASN A 137 -14.77 29.38 16.00
C ASN A 137 -15.65 28.18 15.70
N GLN A 138 -15.01 27.06 15.37
CA GLN A 138 -15.69 25.79 15.20
C GLN A 138 -15.61 24.96 16.49
N VAL A 139 -16.42 23.89 16.58
CA VAL A 139 -16.43 23.01 17.75
C VAL A 139 -16.79 21.58 17.39
N SER A 140 -16.44 20.66 18.28
CA SER A 140 -16.61 19.24 18.02
C SER A 140 -17.75 18.57 18.81
N LEU A 141 -18.64 17.98 18.03
CA LEU A 141 -19.68 17.13 18.55
C LEU A 141 -19.24 15.74 18.24
N THR A 142 -19.31 14.88 19.25
CA THR A 142 -18.66 13.60 19.19
C THR A 142 -19.67 12.49 19.43
N CYS A 143 -19.70 11.50 18.53
CA CYS A 143 -20.59 10.35 18.70
C CYS A 143 -19.75 9.12 18.89
N LEU A 144 -19.85 8.51 20.07
CA LEU A 144 -19.14 7.28 20.39
C LEU A 144 -20.04 6.10 20.16
N VAL A 145 -19.58 5.15 19.37
CA VAL A 145 -20.32 3.93 19.14
C VAL A 145 -19.39 2.77 19.48
N LYS A 146 -19.87 1.82 20.27
CA LYS A 146 -19.03 0.75 20.78
C LYS A 146 -19.84 -0.48 21.13
N GLY A 147 -19.15 -1.58 21.36
CA GLY A 147 -19.76 -2.84 21.74
C GLY A 147 -20.35 -3.61 20.58
N PHE A 148 -20.05 -3.19 19.34
CA PHE A 148 -20.70 -3.81 18.17
C PHE A 148 -19.93 -4.89 17.47
N TYR A 149 -20.65 -5.73 16.75
CA TYR A 149 -20.07 -6.78 15.94
C TYR A 149 -21.14 -7.28 15.00
N PRO A 150 -20.79 -7.54 13.73
CA PRO A 150 -19.42 -7.40 13.21
C PRO A 150 -19.05 -5.95 12.96
N SER A 151 -17.81 -5.75 12.51
CA SER A 151 -17.29 -4.42 12.28
C SER A 151 -18.03 -3.61 11.21
N ASP A 152 -18.86 -4.25 10.38
CA ASP A 152 -19.66 -3.53 9.37
C ASP A 152 -20.73 -2.64 9.98
N ILE A 153 -20.61 -1.32 9.78
CA ILE A 153 -21.56 -0.33 10.33
C ILE A 153 -21.70 0.87 9.41
N ALA A 154 -22.67 1.74 9.69
CA ALA A 154 -22.79 3.03 9.01
C ALA A 154 -23.22 4.11 9.99
N VAL A 155 -22.49 5.22 9.99
CA VAL A 155 -22.71 6.26 10.94
C VAL A 155 -22.78 7.60 10.26
N GLU A 156 -23.80 8.41 10.57
CA GLU A 156 -23.98 9.73 9.96
C GLU A 156 -24.43 10.74 10.97
N TRP A 157 -24.23 12.00 10.61
CA TRP A 157 -24.68 13.10 11.40
C TRP A 157 -25.76 13.86 10.63
N GLU A 158 -26.77 14.33 11.38
CA GLU A 158 -27.97 14.99 10.84
C GLU A 158 -28.38 16.21 11.65
N SER A 159 -29.14 17.10 11.00
CA SER A 159 -29.84 18.16 11.68
C SER A 159 -30.92 18.71 10.80
N ASN A 160 -32.11 18.94 11.37
CA ASN A 160 -33.29 19.38 10.59
C ASN A 160 -33.56 18.50 9.35
N GLY A 161 -33.56 17.19 9.57
CA GLY A 161 -33.80 16.24 8.50
C GLY A 161 -32.77 16.22 7.39
N GLN A 162 -31.65 16.91 7.54
CA GLN A 162 -30.69 16.98 6.45
C GLN A 162 -29.32 16.56 6.90
N PRO A 163 -28.56 15.89 6.02
CA PRO A 163 -27.21 15.46 6.42
C PRO A 163 -26.27 16.62 6.63
N GLU A 164 -25.53 16.56 7.74
CA GLU A 164 -24.46 17.51 8.04
C GLU A 164 -23.23 17.23 7.21
N ASN A 165 -22.56 18.33 6.87
CA ASN A 165 -21.51 18.33 5.87
C ASN A 165 -20.17 17.80 6.44
N ASN A 166 -19.64 18.52 7.42
CA ASN A 166 -18.26 18.38 7.82
C ASN A 166 -18.14 17.49 9.04
N TYR A 167 -18.17 16.18 8.80
CA TYR A 167 -17.86 15.22 9.83
C TYR A 167 -16.94 14.13 9.33
N LYS A 168 -16.20 13.51 10.23
CA LYS A 168 -15.34 12.41 9.91
C LYS A 168 -15.44 11.33 11.00
N THR A 169 -15.42 10.08 10.58
CA THR A 169 -15.61 8.97 11.46
C THR A 169 -14.40 8.05 11.41
N THR A 170 -13.82 7.72 12.56
CA THR A 170 -12.67 6.85 12.62
C THR A 170 -13.01 5.45 12.14
N PRO A 171 -11.99 4.70 11.69
CA PRO A 171 -12.28 3.30 11.43
C PRO A 171 -12.61 2.56 12.71
N PRO A 172 -13.23 1.39 12.57
CA PRO A 172 -13.52 0.51 13.67
C PRO A 172 -12.25 0.07 14.35
N VAL A 173 -12.22 0.14 15.67
CA VAL A 173 -11.09 -0.37 16.42
C VAL A 173 -11.59 -1.49 17.32
N LEU A 174 -10.79 -2.56 17.38
CA LEU A 174 -11.10 -3.76 18.12
C LEU A 174 -10.87 -3.60 19.60
N ASP A 175 -11.95 -3.51 20.38
CA ASP A 175 -11.89 -3.29 21.84
C ASP A 175 -11.40 -4.58 22.47
N SER A 176 -11.08 -4.57 23.76
CA SER A 176 -10.50 -5.77 24.38
C SER A 176 -11.47 -6.95 24.51
N ASP A 177 -12.77 -6.75 24.32
CA ASP A 177 -13.71 -7.87 24.51
C ASP A 177 -14.12 -8.55 23.18
N GLY A 178 -13.35 -8.33 22.13
CA GLY A 178 -13.74 -8.83 20.81
C GLY A 178 -14.80 -8.01 20.07
N SER A 179 -15.39 -7.00 20.71
CA SER A 179 -16.28 -6.05 20.01
C SER A 179 -15.44 -4.90 19.47
N PHE A 180 -16.06 -4.04 18.65
CA PHE A 180 -15.41 -2.87 18.13
C PHE A 180 -16.05 -1.61 18.65
N PHE A 181 -15.27 -0.53 18.68
CA PHE A 181 -15.84 0.82 18.73
C PHE A 181 -15.33 1.75 17.61
N LEU A 182 -16.00 2.88 17.44
CA LEU A 182 -15.42 3.95 16.67
C LEU A 182 -15.83 5.24 17.33
N TYR A 183 -15.37 6.34 16.78
CA TYR A 183 -15.80 7.66 17.15
C TYR A 183 -16.08 8.40 15.87
N SER A 184 -17.16 9.16 15.85
CA SER A 184 -17.46 9.99 14.70
C SER A 184 -17.46 11.42 15.17
N LYS A 185 -16.75 12.31 14.49
CA LYS A 185 -16.70 13.70 14.90
C LYS A 185 -17.37 14.62 13.90
N LEU A 186 -18.34 15.39 14.38
CA LEU A 186 -18.95 16.47 13.64
C LEU A 186 -18.38 17.85 14.05
N THR A 187 -17.97 18.63 13.06
CA THR A 187 -17.52 19.97 13.31
C THR A 187 -18.64 20.93 12.91
N VAL A 188 -18.80 22.01 13.66
CA VAL A 188 -19.81 23.02 13.35
C VAL A 188 -19.27 24.42 13.71
N ASP A 189 -20.02 25.46 13.37
CA ASP A 189 -19.67 26.77 13.88
C ASP A 189 -20.22 26.83 15.28
N LYS A 190 -19.49 27.46 16.18
CA LYS A 190 -19.94 27.63 17.57
C LYS A 190 -21.34 28.22 17.66
N SER A 191 -21.63 29.19 16.79
CA SER A 191 -22.89 29.89 16.87
C SER A 191 -24.02 28.88 16.81
N ARG A 192 -23.95 27.93 15.87
CA ARG A 192 -25.00 26.90 15.72
C ARG A 192 -25.20 26.10 17.00
N TRP A 193 -24.11 25.93 17.75
CA TRP A 193 -24.16 25.18 18.97
C TRP A 193 -24.92 25.97 20.02
N GLN A 194 -24.52 27.23 20.18
CA GLN A 194 -24.97 28.06 21.30
C GLN A 194 -26.40 28.57 21.11
N GLN A 195 -26.75 28.92 19.88
CA GLN A 195 -28.16 29.10 19.57
C GLN A 195 -28.93 27.80 19.82
N GLY A 196 -28.24 26.75 20.25
CA GLY A 196 -28.87 25.55 20.75
C GLY A 196 -29.69 24.78 19.73
N ASN A 197 -29.14 24.56 18.55
CA ASN A 197 -29.76 23.69 17.57
C ASN A 197 -29.45 22.29 17.98
N VAL A 198 -30.16 21.37 17.34
CA VAL A 198 -30.09 19.95 17.63
C VAL A 198 -29.40 19.19 16.52
N PHE A 199 -28.50 18.29 16.91
CA PHE A 199 -27.77 17.43 15.99
C PHE A 199 -27.92 15.97 16.40
N SER A 200 -27.83 15.08 15.41
CA SER A 200 -28.23 13.70 15.59
C SER A 200 -27.20 12.79 14.99
N CYS A 201 -26.77 11.82 15.76
CA CYS A 201 -25.85 10.83 15.30
C CYS A 201 -26.72 9.68 14.96
N SER A 202 -26.72 9.24 13.71
CA SER A 202 -27.48 8.06 13.31
C SER A 202 -26.51 6.91 13.11
N VAL A 203 -26.96 5.70 13.39
CA VAL A 203 -26.13 4.51 13.34
C VAL A 203 -26.93 3.35 12.75
N MET A 204 -26.34 2.68 11.76
CA MET A 204 -26.99 1.57 11.10
C MET A 204 -26.12 0.35 11.26
N HIS A 205 -26.66 -0.61 11.95
CA HIS A 205 -25.97 -1.83 12.21
C HIS A 205 -26.97 -2.94 12.12
N GLU A 206 -26.45 -4.12 11.81
CA GLU A 206 -27.25 -5.32 11.67
C GLU A 206 -28.07 -5.66 12.91
N ALA A 207 -27.47 -5.46 14.09
CA ALA A 207 -28.03 -5.93 15.36
C ALA A 207 -28.80 -4.87 16.17
N LEU A 208 -29.41 -3.91 15.47
CA LEU A 208 -30.34 -2.96 16.07
C LEU A 208 -31.73 -3.17 15.48
N HIS A 209 -32.75 -3.00 16.32
CA HIS A 209 -34.16 -2.97 15.90
C HIS A 209 -34.26 -2.06 14.68
N ASN A 210 -34.75 -2.62 13.57
CA ASN A 210 -34.85 -1.88 12.29
C ASN A 210 -33.51 -1.37 11.74
N HIS A 211 -32.45 -2.11 12.09
CA HIS A 211 -31.08 -1.77 11.74
C HIS A 211 -30.75 -0.29 11.91
N TYR A 212 -31.43 0.40 12.80
CA TYR A 212 -31.27 1.86 12.95
C TYR A 212 -31.50 2.35 14.37
N THR A 213 -30.69 3.32 14.78
CA THR A 213 -30.94 4.10 15.97
C THR A 213 -30.21 5.39 15.85
N GLN A 214 -30.73 6.42 16.49
CA GLN A 214 -30.11 7.70 16.47
C GLN A 214 -30.24 8.34 17.84
N LYS A 215 -29.36 9.30 18.12
CA LYS A 215 -29.30 9.93 19.41
C LYS A 215 -29.00 11.39 19.20
N SER A 216 -29.73 12.25 19.89
CA SER A 216 -29.59 13.65 19.62
C SER A 216 -28.57 14.26 20.55
N LEU A 217 -28.27 15.52 20.34
CA LEU A 217 -27.31 16.21 21.16
C LEU A 217 -27.52 17.71 20.92
N SER A 218 -27.62 18.49 21.99
CA SER A 218 -27.85 19.93 21.86
C SER A 218 -27.31 20.62 23.08
N LEU A 219 -26.93 21.89 22.95
CA LEU A 219 -26.45 22.64 24.12
C LEU A 219 -27.50 22.50 25.19
N SER A 220 -27.10 22.70 26.44
CA SER A 220 -27.96 22.46 27.60
C SER A 220 -27.80 23.54 28.68
N PRO B 6 7.02 -26.78 1.97
CA PRO B 6 8.23 -26.63 1.14
C PRO B 6 8.53 -25.16 0.77
N ALA B 7 9.78 -24.87 0.40
CA ALA B 7 10.16 -23.50 0.03
C ALA B 7 9.48 -23.04 -1.28
N PRO B 8 8.99 -21.78 -1.33
CA PRO B 8 8.44 -21.25 -2.56
C PRO B 8 9.51 -20.71 -3.52
N GLU B 9 9.10 -20.31 -4.71
CA GLU B 9 10.03 -20.13 -5.81
C GLU B 9 10.82 -18.81 -5.81
N LEU B 10 10.20 -17.76 -5.25
CA LEU B 10 10.87 -16.48 -5.02
C LEU B 10 11.66 -15.93 -6.21
N LEU B 11 11.10 -16.07 -7.41
CA LEU B 11 11.83 -15.69 -8.61
C LEU B 11 12.39 -14.28 -8.51
N GLY B 12 11.73 -13.43 -7.72
CA GLY B 12 12.12 -12.03 -7.61
C GLY B 12 13.05 -11.70 -6.45
N GLY B 13 13.39 -12.67 -5.64
CA GLY B 13 14.39 -12.42 -4.64
C GLY B 13 13.72 -11.80 -3.44
N PRO B 14 14.53 -11.30 -2.51
CA PRO B 14 13.97 -10.71 -1.32
C PRO B 14 13.40 -9.32 -1.56
N SER B 15 12.65 -8.83 -0.58
CA SER B 15 12.10 -7.47 -0.61
C SER B 15 12.33 -6.80 0.73
N VAL B 16 12.43 -5.47 0.68
CA VAL B 16 12.77 -4.66 1.82
C VAL B 16 11.60 -3.82 2.30
N PHE B 17 11.52 -3.65 3.61
CA PHE B 17 10.57 -2.72 4.22
C PHE B 17 11.29 -1.95 5.30
N LEU B 18 11.04 -0.65 5.36
CA LEU B 18 11.86 0.26 6.14
C LEU B 18 10.94 1.12 7.03
N PHE B 19 10.97 0.85 8.33
CA PHE B 19 10.05 1.48 9.26
C PHE B 19 10.65 2.60 10.10
N PRO B 20 9.81 3.53 10.51
CA PRO B 20 10.36 4.67 11.23
C PRO B 20 10.48 4.41 12.72
N PRO B 21 11.02 5.38 13.47
CA PRO B 21 11.00 5.24 14.92
C PRO B 21 9.60 5.36 15.46
N LYS B 22 9.41 4.80 16.65
CA LYS B 22 8.14 4.94 17.35
C LYS B 22 8.09 6.41 17.69
N PRO B 23 6.88 7.01 17.59
CA PRO B 23 6.76 8.44 17.83
C PRO B 23 7.20 8.85 19.22
N LYS B 24 6.93 8.05 20.24
CA LYS B 24 7.35 8.42 21.60
C LYS B 24 8.88 8.52 21.68
N ASP B 25 9.57 7.57 21.07
CA ASP B 25 11.04 7.49 21.12
C ASP B 25 11.75 8.74 20.57
N THR B 26 11.31 9.25 19.42
CA THR B 26 11.90 10.45 18.82
C THR B 26 11.76 11.66 19.75
N LEU B 27 10.66 11.69 20.52
CA LEU B 27 10.25 12.86 21.30
C LEU B 27 10.84 12.97 22.71
N MET B 28 10.89 11.86 23.44
CA MET B 28 11.51 11.84 24.76
C MET B 28 13.01 11.58 24.63
N ILE B 29 13.81 12.60 24.92
CA ILE B 29 15.28 12.50 24.84
C ILE B 29 15.87 11.37 25.70
N SER B 30 15.13 10.88 26.69
CA SER B 30 15.58 9.77 27.51
C SER B 30 15.50 8.43 26.80
N ARG B 31 14.84 8.40 25.65
CA ARG B 31 14.58 7.16 24.94
C ARG B 31 15.41 6.99 23.68
N THR B 32 15.39 5.77 23.16
CA THR B 32 16.23 5.44 22.00
C THR B 32 15.43 5.20 20.68
N PRO B 33 15.45 6.19 19.77
CA PRO B 33 14.78 6.03 18.47
C PRO B 33 15.56 5.16 17.44
N GLU B 34 14.81 4.40 16.64
CA GLU B 34 15.37 3.45 15.72
C GLU B 34 14.64 3.46 14.39
N VAL B 35 15.43 3.31 13.34
CA VAL B 35 14.91 2.93 12.05
C VAL B 35 15.16 1.43 11.93
N THR B 36 14.32 0.72 11.18
CA THR B 36 14.43 -0.71 11.13
C THR B 36 14.28 -1.22 9.73
N CYS B 37 15.38 -1.75 9.17
CA CYS B 37 15.37 -2.24 7.81
C CYS B 37 15.15 -3.74 7.87
N VAL B 38 14.10 -4.19 7.17
CA VAL B 38 13.65 -5.57 7.22
C VAL B 38 13.67 -6.19 5.83
N VAL B 39 14.41 -7.26 5.68
CA VAL B 39 14.42 -7.96 4.45
C VAL B 39 13.69 -9.26 4.64
N VAL B 40 12.79 -9.55 3.71
CA VAL B 40 12.01 -10.79 3.72
C VAL B 40 12.11 -11.46 2.35
N ASP B 41 11.66 -12.71 2.27
CA ASP B 41 11.79 -13.52 1.06
C ASP B 41 13.26 -13.78 0.74
N VAL B 42 14.02 -14.02 1.81
CA VAL B 42 15.41 -14.39 1.71
C VAL B 42 15.45 -15.91 1.68
N SER B 43 16.19 -16.46 0.72
CA SER B 43 16.24 -17.89 0.53
C SER B 43 17.22 -18.57 1.47
N HIS B 44 17.01 -19.87 1.66
CA HIS B 44 17.97 -20.69 2.38
C HIS B 44 19.30 -20.73 1.65
N GLU B 45 19.27 -20.80 0.32
CA GLU B 45 20.49 -20.98 -0.47
C GLU B 45 21.35 -19.72 -0.47
N ASP B 46 20.72 -18.55 -0.52
CA ASP B 46 21.43 -17.27 -0.57
C ASP B 46 20.86 -16.42 0.54
N PRO B 47 21.17 -16.78 1.79
CA PRO B 47 20.61 -16.09 2.92
C PRO B 47 21.45 -14.92 3.48
N GLU B 48 22.63 -14.63 2.90
CA GLU B 48 23.38 -13.50 3.43
C GLU B 48 22.86 -12.22 2.88
N VAL B 49 22.66 -11.26 3.78
CA VAL B 49 22.20 -9.94 3.43
C VAL B 49 23.26 -9.00 3.95
N LYS B 50 23.61 -8.01 3.13
CA LYS B 50 24.57 -7.02 3.54
C LYS B 50 23.86 -5.70 3.55
N PHE B 51 24.14 -4.92 4.59
CA PHE B 51 23.46 -3.68 4.80
C PHE B 51 24.44 -2.53 4.74
N ASN B 52 24.08 -1.46 4.04
CA ASN B 52 24.76 -0.17 4.15
C ASN B 52 23.73 0.92 4.55
N TRP B 53 24.02 1.73 5.55
CA TRP B 53 23.09 2.77 6.00
C TRP B 53 23.59 4.20 5.73
N TYR B 54 22.76 5.05 5.11
CA TYR B 54 23.18 6.44 4.91
C TYR B 54 22.23 7.47 5.53
N VAL B 55 22.82 8.53 6.07
CA VAL B 55 22.09 9.68 6.56
C VAL B 55 22.35 10.90 5.67
N ASP B 56 21.30 11.35 5.00
CA ASP B 56 21.38 12.51 4.16
C ASP B 56 22.55 12.31 3.18
N GLY B 57 22.70 11.08 2.72
CA GLY B 57 23.77 10.72 1.79
C GLY B 57 25.06 10.17 2.42
N VAL B 58 25.35 10.52 3.66
CA VAL B 58 26.64 10.17 4.31
C VAL B 58 26.57 8.83 5.09
N GLU B 59 27.53 7.92 4.89
CA GLU B 59 27.34 6.56 5.43
C GLU B 59 27.61 6.52 6.92
N VAL B 60 26.92 5.61 7.62
CA VAL B 60 27.09 5.44 9.09
C VAL B 60 27.28 3.96 9.44
N HIS B 61 27.99 3.65 10.51
CA HIS B 61 28.35 2.23 10.77
C HIS B 61 27.78 1.63 12.02
N ASN B 62 26.99 2.40 12.76
CA ASN B 62 26.54 1.95 14.06
C ASN B 62 25.43 0.90 14.02
N ALA B 63 24.95 0.51 12.85
CA ALA B 63 23.81 -0.41 12.77
C ALA B 63 24.04 -1.68 13.57
N LYS B 64 22.98 -2.26 14.10
CA LYS B 64 23.05 -3.51 14.85
C LYS B 64 22.58 -4.57 13.90
N THR B 65 23.19 -5.74 13.94
CA THR B 65 22.87 -6.79 12.99
C THR B 65 22.19 -7.93 13.73
N LYS B 66 20.90 -8.11 13.50
CA LYS B 66 20.12 -9.12 14.23
C LYS B 66 20.35 -10.49 13.64
N PRO B 67 20.26 -11.52 14.46
CA PRO B 67 20.20 -12.81 13.84
C PRO B 67 19.01 -12.95 12.85
N ARG B 68 19.20 -13.81 11.87
CA ARG B 68 18.17 -14.09 10.88
C ARG B 68 17.14 -14.99 11.52
N GLU B 69 15.91 -14.98 11.00
CA GLU B 69 14.79 -15.67 11.63
C GLU B 69 14.06 -16.56 10.61
N GLU B 70 13.96 -17.85 10.89
CA GLU B 70 13.12 -18.74 10.10
C GLU B 70 11.62 -18.40 10.17
N GLN B 71 10.99 -18.23 9.01
CA GLN B 71 9.56 -18.01 8.95
C GLN B 71 8.79 -19.30 8.64
N TRP B 72 7.45 -19.21 8.72
CA TRP B 72 6.56 -20.34 8.44
C TRP B 72 6.61 -20.85 7.00
N ASN B 73 7.15 -20.06 6.07
CA ASN B 73 7.28 -20.47 4.67
C ASN B 73 8.70 -20.81 4.26
N SER B 74 9.57 -21.08 5.23
CA SER B 74 10.90 -21.54 4.91
C SER B 74 11.70 -20.51 4.14
N THR B 75 11.53 -19.27 4.59
CA THR B 75 12.33 -18.14 4.17
C THR B 75 12.84 -17.46 5.40
N TYR B 76 13.91 -16.70 5.24
CA TYR B 76 14.47 -15.97 6.37
C TYR B 76 13.96 -14.53 6.38
N ARG B 77 13.83 -14.01 7.58
CA ARG B 77 13.52 -12.61 7.81
C ARG B 77 14.73 -11.99 8.51
N VAL B 78 15.36 -11.05 7.83
CA VAL B 78 16.68 -10.57 8.22
C VAL B 78 16.61 -9.08 8.43
N VAL B 79 16.99 -8.60 9.61
CA VAL B 79 16.73 -7.21 10.00
C VAL B 79 18.04 -6.52 10.31
N SER B 80 18.16 -5.25 9.94
CA SER B 80 19.21 -4.40 10.49
C SER B 80 18.50 -3.24 11.16
N VAL B 81 19.08 -2.72 12.23
CA VAL B 81 18.45 -1.64 13.01
C VAL B 81 19.44 -0.56 13.32
N LEU B 82 19.09 0.66 12.99
CA LEU B 82 20.00 1.78 13.12
C LEU B 82 19.41 2.77 14.12
N THR B 83 20.12 3.03 15.20
CA THR B 83 19.61 3.98 16.15
C THR B 83 19.95 5.34 15.57
N VAL B 84 19.18 6.34 15.98
CA VAL B 84 19.24 7.64 15.37
C VAL B 84 19.16 8.71 16.42
N LEU B 85 19.61 9.90 16.06
CA LEU B 85 19.48 11.04 16.92
C LEU B 85 18.13 11.70 16.74
N HIS B 86 17.59 12.17 17.86
CA HIS B 86 16.25 12.79 17.93
C HIS B 86 16.13 14.06 17.07
N GLN B 87 17.07 14.98 17.20
CA GLN B 87 17.00 16.21 16.41
C GLN B 87 17.05 15.93 14.88
N ASP B 88 17.78 14.89 14.47
CA ASP B 88 18.02 14.62 13.04
C ASP B 88 16.74 14.23 12.39
N TRP B 89 16.10 13.24 13.02
CA TRP B 89 14.83 12.72 12.52
C TRP B 89 13.84 13.87 12.41
N LEU B 90 13.62 14.55 13.53
CA LEU B 90 12.73 15.71 13.57
C LEU B 90 13.10 16.78 12.56
N ASN B 91 14.39 16.97 12.34
CA ASN B 91 14.81 17.88 11.27
C ASN B 91 14.63 17.31 9.86
N GLY B 92 14.36 16.02 9.76
CA GLY B 92 13.90 15.44 8.51
C GLY B 92 15.05 14.89 7.68
N LYS B 93 16.17 14.64 8.33
CA LYS B 93 17.25 13.90 7.67
C LYS B 93 16.67 12.59 7.11
N GLU B 94 17.20 12.17 5.95
CA GLU B 94 16.69 10.98 5.27
C GLU B 94 17.60 9.84 5.63
N TYR B 95 17.01 8.68 5.84
CA TYR B 95 17.72 7.54 6.36
C TYR B 95 17.52 6.50 5.30
N LYS B 96 18.62 6.12 4.68
CA LYS B 96 18.60 5.24 3.54
C LYS B 96 19.13 3.87 3.97
N CYS B 97 18.34 2.82 3.73
CA CYS B 97 18.80 1.44 3.89
C CYS B 97 19.14 0.84 2.53
N LYS B 98 20.32 0.23 2.43
CA LYS B 98 20.73 -0.45 1.22
C LYS B 98 20.99 -1.92 1.48
N VAL B 99 20.41 -2.75 0.65
CA VAL B 99 20.42 -4.16 0.91
C VAL B 99 21.03 -4.92 -0.27
N SER B 100 21.97 -5.82 -0.01
CA SER B 100 22.64 -6.54 -1.09
C SER B 100 22.55 -8.04 -0.84
N ASN B 101 21.93 -8.75 -1.78
CA ASN B 101 21.75 -10.17 -1.64
C ASN B 101 22.06 -10.83 -2.97
N LYS B 102 22.60 -12.04 -2.91
CA LYS B 102 23.15 -12.68 -4.08
C LYS B 102 22.06 -12.91 -5.14
N ALA B 103 20.85 -13.22 -4.68
CA ALA B 103 19.69 -13.50 -5.55
C ALA B 103 19.10 -12.26 -6.22
N LEU B 104 19.78 -11.12 -6.15
CA LEU B 104 19.28 -9.92 -6.81
C LEU B 104 20.32 -9.46 -7.80
N PRO B 105 19.87 -8.77 -8.86
CA PRO B 105 20.77 -8.24 -9.87
C PRO B 105 21.48 -6.97 -9.42
N ALA B 106 20.88 -6.29 -8.44
CA ALA B 106 21.46 -5.04 -7.91
C ALA B 106 21.04 -4.81 -6.47
N PRO B 107 21.76 -3.95 -5.75
CA PRO B 107 21.29 -3.62 -4.40
C PRO B 107 19.94 -2.91 -4.47
N ILE B 108 19.08 -3.17 -3.50
CA ILE B 108 17.82 -2.43 -3.31
C ILE B 108 18.01 -1.32 -2.30
N GLU B 109 17.64 -0.09 -2.67
CA GLU B 109 17.71 1.03 -1.72
C GLU B 109 16.32 1.49 -1.23
N LYS B 110 16.20 1.89 0.03
CA LYS B 110 14.92 2.42 0.57
C LYS B 110 15.24 3.61 1.39
N THR B 111 14.31 4.56 1.41
CA THR B 111 14.54 5.76 2.19
C THR B 111 13.33 6.04 3.05
N ILE B 112 13.59 6.73 4.15
CA ILE B 112 12.53 7.13 5.05
C ILE B 112 12.97 8.42 5.75
N SER B 113 12.13 9.44 5.66
CA SER B 113 12.26 10.62 6.50
C SER B 113 10.94 10.84 7.19
N LYS B 114 10.87 11.88 8.01
CA LYS B 114 9.61 12.27 8.62
C LYS B 114 8.75 12.84 7.54
N ALA B 115 7.44 12.91 7.76
CA ALA B 115 6.61 13.62 6.79
C ALA B 115 6.99 15.10 6.69
N LYS B 116 6.92 15.66 5.48
CA LYS B 116 7.18 17.09 5.27
C LYS B 116 5.88 17.85 5.47
N GLY B 117 5.99 19.13 5.76
CA GLY B 117 4.80 19.98 5.83
C GLY B 117 4.80 20.68 7.16
N GLN B 118 4.27 21.88 7.19
CA GLN B 118 4.22 22.64 8.44
C GLN B 118 3.62 21.74 9.57
N PRO B 119 4.40 21.50 10.65
CA PRO B 119 3.81 20.86 11.83
C PRO B 119 2.77 21.75 12.48
N ARG B 120 1.71 21.14 13.01
CA ARG B 120 0.63 21.87 13.68
C ARG B 120 0.36 21.30 15.08
N GLU B 121 0.16 22.20 16.02
CA GLU B 121 -0.01 21.82 17.41
C GLU B 121 -1.32 21.07 17.59
N PRO B 122 -1.29 19.94 18.30
CA PRO B 122 -2.57 19.31 18.65
C PRO B 122 -3.32 20.06 19.75
N GLN B 123 -4.64 20.12 19.58
CA GLN B 123 -5.54 20.65 20.56
C GLN B 123 -6.12 19.42 21.23
N VAL B 124 -5.97 19.34 22.53
CA VAL B 124 -6.35 18.17 23.34
C VAL B 124 -7.58 18.50 24.21
N TYR B 125 -8.62 17.71 24.07
CA TYR B 125 -9.84 17.90 24.85
C TYR B 125 -10.30 16.55 25.41
N THR B 126 -10.64 16.55 26.71
CA THR B 126 -11.13 15.39 27.40
C THR B 126 -12.64 15.55 27.59
N LEU B 127 -13.37 14.44 27.52
CA LEU B 127 -14.81 14.45 27.57
C LEU B 127 -15.32 13.35 28.50
N PRO B 128 -16.15 13.74 29.49
CA PRO B 128 -16.62 12.79 30.46
C PRO B 128 -17.62 11.80 29.82
N PRO B 129 -18.06 10.78 30.57
CA PRO B 129 -18.99 9.80 30.08
C PRO B 129 -20.35 10.38 29.77
N SER B 130 -21.02 9.79 28.80
CA SER B 130 -22.40 10.14 28.53
C SER B 130 -23.23 9.88 29.78
N ARG B 131 -24.19 10.76 30.05
CA ARG B 131 -25.21 10.50 31.07
C ARG B 131 -25.72 9.06 30.96
N ASP B 132 -26.00 8.62 29.74
CA ASP B 132 -26.56 7.27 29.51
C ASP B 132 -25.62 6.11 29.77
N GLU B 133 -24.34 6.34 30.04
CA GLU B 133 -23.41 5.21 30.17
C GLU B 133 -23.28 4.90 31.65
N LEU B 134 -23.75 5.80 32.51
CA LEU B 134 -23.56 5.68 33.98
C LEU B 134 -24.38 4.52 34.55
N THR B 135 -25.38 4.06 33.82
CA THR B 135 -26.04 2.82 34.21
C THR B 135 -25.11 1.59 34.12
N LYS B 136 -24.05 1.66 33.32
CA LYS B 136 -23.10 0.53 33.18
C LYS B 136 -22.04 0.49 34.31
N ASN B 137 -21.39 -0.66 34.48
CA ASN B 137 -20.39 -0.80 35.55
C ASN B 137 -19.06 -0.24 35.19
N GLN B 138 -18.82 -0.10 33.90
CA GLN B 138 -17.63 0.52 33.41
C GLN B 138 -18.04 1.74 32.60
N VAL B 139 -17.21 2.77 32.60
CA VAL B 139 -17.45 3.96 31.78
C VAL B 139 -16.26 4.36 30.90
N SER B 140 -16.55 5.18 29.88
CA SER B 140 -15.62 5.54 28.86
C SER B 140 -15.25 6.98 29.05
N LEU B 141 -13.99 7.21 29.39
CA LEU B 141 -13.43 8.54 29.40
C LEU B 141 -12.71 8.74 28.07
N THR B 142 -12.82 9.95 27.54
CA THR B 142 -12.55 10.22 26.15
C THR B 142 -11.59 11.37 25.99
N CYS B 143 -10.62 11.17 25.12
CA CYS B 143 -9.68 12.19 24.83
C CYS B 143 -9.63 12.38 23.36
N LEU B 144 -9.85 13.61 22.94
CA LEU B 144 -9.83 13.96 21.54
C LEU B 144 -8.60 14.77 21.29
N VAL B 145 -7.78 14.31 20.34
CA VAL B 145 -6.60 15.04 19.89
C VAL B 145 -6.89 15.46 18.46
N LYS B 146 -6.67 16.72 18.12
CA LYS B 146 -6.96 17.15 16.75
C LYS B 146 -6.18 18.37 16.22
N GLY B 147 -6.25 18.51 14.91
CA GLY B 147 -5.65 19.65 14.25
C GLY B 147 -4.14 19.60 14.34
N PHE B 148 -3.60 18.35 14.32
CA PHE B 148 -2.15 18.13 14.34
C PHE B 148 -1.57 17.63 13.04
N TYR B 149 -0.30 17.97 12.82
CA TYR B 149 0.50 17.47 11.69
C TYR B 149 1.94 17.54 12.11
N PRO B 150 2.74 16.51 11.82
CA PRO B 150 2.43 15.19 11.24
C PRO B 150 1.58 14.25 12.11
N SER B 151 1.18 13.13 11.51
CA SER B 151 0.41 12.12 12.19
C SER B 151 1.18 11.45 13.33
N ASP B 152 2.48 11.68 13.45
CA ASP B 152 3.26 10.93 14.41
C ASP B 152 2.94 11.47 15.78
N ILE B 153 2.40 10.60 16.63
CA ILE B 153 1.88 11.04 17.92
C ILE B 153 1.78 9.85 18.87
N ALA B 154 1.67 10.15 20.16
CA ALA B 154 1.59 9.14 21.19
C ALA B 154 0.67 9.65 22.27
N VAL B 155 -0.20 8.76 22.74
CA VAL B 155 -1.16 9.08 23.77
C VAL B 155 -1.27 7.96 24.83
N GLU B 156 -1.22 8.35 26.10
CA GLU B 156 -1.41 7.41 27.21
C GLU B 156 -2.30 8.08 28.25
N TRP B 157 -2.67 7.33 29.28
CA TRP B 157 -3.43 7.86 30.40
C TRP B 157 -2.81 7.65 31.81
N GLU B 158 -3.03 8.59 32.72
CA GLU B 158 -2.57 8.52 34.10
C GLU B 158 -3.68 8.91 35.10
N SER B 159 -3.63 8.30 36.28
CA SER B 159 -4.34 8.82 37.44
C SER B 159 -3.46 8.83 38.68
N ASN B 160 -3.59 9.89 39.48
CA ASN B 160 -2.82 10.06 40.72
C ASN B 160 -1.40 9.54 40.60
N GLY B 161 -0.63 10.03 39.64
CA GLY B 161 0.77 9.61 39.51
C GLY B 161 1.04 8.25 38.88
N GLN B 162 0.05 7.37 38.75
CA GLN B 162 0.26 6.02 38.18
C GLN B 162 -0.31 5.88 36.77
N PRO B 163 0.40 5.16 35.88
CA PRO B 163 -0.17 4.93 34.56
C PRO B 163 -1.51 4.18 34.61
N GLU B 164 -2.41 4.49 33.68
CA GLU B 164 -3.62 3.74 33.43
C GLU B 164 -3.49 3.15 32.04
N ASN B 165 -3.63 1.83 31.95
CA ASN B 165 -3.33 1.13 30.72
C ASN B 165 -4.53 0.54 30.04
N ASN B 166 -5.70 0.67 30.62
CA ASN B 166 -6.80 -0.04 30.04
C ASN B 166 -7.52 0.85 29.02
N TYR B 167 -6.79 1.26 27.97
CA TYR B 167 -7.32 2.15 26.93
C TYR B 167 -7.00 1.66 25.55
N LYS B 168 -7.78 2.16 24.60
CA LYS B 168 -7.49 1.94 23.20
C LYS B 168 -7.57 3.28 22.49
N THR B 169 -6.58 3.56 21.65
CA THR B 169 -6.58 4.74 20.77
C THR B 169 -6.77 4.39 19.30
N THR B 170 -7.42 5.29 18.55
CA THR B 170 -7.68 5.06 17.13
C THR B 170 -6.47 5.45 16.30
N PRO B 171 -6.40 4.92 15.08
CA PRO B 171 -5.39 5.47 14.20
C PRO B 171 -5.70 6.94 13.98
N PRO B 172 -4.72 7.69 13.45
CA PRO B 172 -5.02 9.08 13.15
C PRO B 172 -5.89 9.11 11.92
N VAL B 173 -6.68 10.15 11.81
CA VAL B 173 -7.61 10.22 10.73
C VAL B 173 -7.37 11.54 10.02
N LEU B 174 -7.26 11.49 8.70
CA LEU B 174 -7.07 12.70 7.95
C LEU B 174 -8.32 13.56 8.06
N ASP B 175 -8.20 14.72 8.66
CA ASP B 175 -9.32 15.62 8.72
C ASP B 175 -9.43 16.40 7.43
N SER B 176 -10.42 17.28 7.36
CA SER B 176 -10.74 18.04 6.14
C SER B 176 -9.89 19.30 5.87
N ASP B 177 -9.04 19.72 6.81
CA ASP B 177 -8.09 20.82 6.56
C ASP B 177 -6.70 20.26 6.43
N GLY B 178 -6.57 18.97 6.10
CA GLY B 178 -5.26 18.32 6.02
C GLY B 178 -4.50 18.14 7.34
N SER B 179 -5.16 18.41 8.47
CA SER B 179 -4.64 17.99 9.77
C SER B 179 -5.11 16.58 10.05
N PHE B 180 -4.67 16.03 11.16
CA PHE B 180 -5.13 14.73 11.65
C PHE B 180 -5.86 14.84 12.98
N PHE B 181 -6.71 13.89 13.25
CA PHE B 181 -7.25 13.76 14.59
C PHE B 181 -7.38 12.30 15.01
N LEU B 182 -7.42 12.09 16.33
CA LEU B 182 -7.75 10.81 16.87
C LEU B 182 -8.48 10.93 18.20
N TYR B 183 -9.11 9.81 18.55
CA TYR B 183 -9.74 9.60 19.83
C TYR B 183 -9.06 8.45 20.52
N SER B 184 -8.64 8.67 21.77
CA SER B 184 -8.37 7.58 22.74
C SER B 184 -9.54 7.38 23.75
N LYS B 185 -9.79 6.15 24.18
CA LYS B 185 -10.85 5.84 25.13
C LYS B 185 -10.37 4.93 26.28
N LEU B 186 -10.53 5.43 27.51
CA LEU B 186 -10.09 4.72 28.69
C LEU B 186 -11.33 4.22 29.42
N THR B 187 -11.39 2.91 29.62
CA THR B 187 -12.48 2.26 30.33
C THR B 187 -12.09 2.09 31.78
N VAL B 188 -12.90 2.63 32.69
CA VAL B 188 -12.60 2.54 34.10
C VAL B 188 -13.82 2.08 34.83
N ASP B 189 -13.60 1.58 36.04
CA ASP B 189 -14.73 1.18 36.89
C ASP B 189 -15.49 2.43 37.32
N LYS B 190 -16.80 2.31 37.37
CA LYS B 190 -17.64 3.46 37.65
C LYS B 190 -17.38 4.01 39.07
N SER B 191 -16.97 3.14 39.98
CA SER B 191 -16.62 3.61 41.32
C SER B 191 -15.45 4.60 41.26
N ARG B 192 -14.38 4.19 40.59
CA ARG B 192 -13.19 5.03 40.53
C ARG B 192 -13.54 6.40 39.97
N TRP B 193 -14.52 6.43 39.06
CA TRP B 193 -15.06 7.70 38.55
C TRP B 193 -15.86 8.45 39.62
N GLN B 194 -16.80 7.74 40.26
CA GLN B 194 -17.72 8.34 41.25
C GLN B 194 -17.00 8.88 42.49
N GLN B 195 -15.86 8.27 42.84
CA GLN B 195 -15.06 8.66 44.02
C GLN B 195 -14.37 10.03 43.87
N GLY B 196 -14.22 10.49 42.63
CA GLY B 196 -13.74 11.85 42.36
C GLY B 196 -12.31 11.91 41.87
N ASN B 197 -11.79 10.74 41.47
CA ASN B 197 -10.43 10.60 40.97
C ASN B 197 -10.19 11.30 39.64
N VAL B 198 -9.14 12.08 39.58
CA VAL B 198 -8.79 12.82 38.38
C VAL B 198 -7.93 11.96 37.44
N PHE B 199 -8.45 11.68 36.26
CA PHE B 199 -7.69 10.96 35.23
C PHE B 199 -7.11 11.92 34.23
N SER B 200 -6.13 11.48 33.48
CA SER B 200 -5.46 12.38 32.58
C SER B 200 -5.06 11.75 31.25
N CYS B 201 -5.37 12.47 30.18
CA CYS B 201 -4.85 12.22 28.85
C CYS B 201 -3.50 12.91 28.76
N SER B 202 -2.51 12.21 28.21
CA SER B 202 -1.16 12.71 27.98
C SER B 202 -0.81 12.50 26.53
N VAL B 203 -0.39 13.58 25.89
CA VAL B 203 -0.19 13.60 24.47
C VAL B 203 1.19 14.09 24.16
N MET B 204 1.85 13.42 23.23
CA MET B 204 3.22 13.76 22.88
C MET B 204 3.37 13.92 21.38
N HIS B 205 3.89 15.09 20.99
CA HIS B 205 3.96 15.46 19.56
C HIS B 205 4.90 16.69 19.38
N GLU B 206 5.64 16.74 18.29
CA GLU B 206 6.73 17.73 18.15
C GLU B 206 6.25 19.18 18.26
N ALA B 207 5.15 19.50 17.60
CA ALA B 207 4.50 20.81 17.74
C ALA B 207 4.03 21.23 19.14
N LEU B 208 3.96 20.28 20.09
CA LEU B 208 3.64 20.62 21.47
C LEU B 208 4.86 21.11 22.24
N HIS B 209 4.66 22.07 23.13
CA HIS B 209 5.74 22.58 23.95
C HIS B 209 6.24 21.44 24.81
N ASN B 210 7.57 21.26 24.77
CA ASN B 210 8.27 20.17 25.44
C ASN B 210 7.73 18.86 25.02
N HIS B 211 7.29 18.78 23.77
CA HIS B 211 6.70 17.54 23.28
C HIS B 211 5.65 16.90 24.18
N TYR B 212 5.03 17.67 25.06
CA TYR B 212 4.16 17.08 26.07
C TYR B 212 3.11 18.04 26.55
N THR B 213 1.89 17.54 26.62
CA THR B 213 0.77 18.22 27.26
C THR B 213 -0.19 17.20 27.89
N GLN B 214 -1.00 17.67 28.81
CA GLN B 214 -1.75 16.77 29.65
C GLN B 214 -3.03 17.45 30.05
N LYS B 215 -4.16 16.86 29.66
CA LYS B 215 -5.49 17.31 30.10
C LYS B 215 -6.09 16.34 31.08
N SER B 216 -6.71 16.90 32.10
CA SER B 216 -7.31 16.14 33.16
C SER B 216 -8.81 16.15 33.03
N LEU B 217 -9.52 15.55 33.97
CA LEU B 217 -10.91 15.14 33.76
C LEU B 217 -11.35 14.37 35.01
N SER B 218 -12.51 14.79 35.54
CA SER B 218 -13.12 14.17 36.72
C SER B 218 -14.54 14.62 36.89
N LEU B 219 -15.29 13.87 37.71
CA LEU B 219 -16.66 14.21 38.12
C LEU B 219 -16.86 15.70 38.44
N SER B 220 -17.98 16.27 37.98
CA SER B 220 -18.40 17.60 38.43
C SER B 220 -19.91 17.66 38.66
N VAL C 8 32.28 -7.02 -37.66
CA VAL C 8 31.92 -7.84 -36.45
C VAL C 8 30.40 -8.06 -36.34
N PHE C 9 29.98 -9.23 -35.84
CA PHE C 9 28.55 -9.57 -35.67
C PHE C 9 28.26 -10.28 -34.31
N LEU C 10 27.29 -9.76 -33.55
CA LEU C 10 26.97 -10.27 -32.20
C LEU C 10 25.94 -11.38 -32.26
N GLU C 11 26.11 -12.45 -31.50
CA GLU C 11 25.08 -13.52 -31.43
C GLU C 11 24.73 -13.91 -30.00
N PRO C 12 23.53 -13.50 -29.52
CA PRO C 12 22.43 -12.82 -30.20
C PRO C 12 22.67 -11.33 -30.47
N GLN C 13 21.96 -10.81 -31.49
CA GLN C 13 22.31 -9.52 -32.10
C GLN C 13 22.34 -8.33 -31.15
N TRP C 14 21.93 -8.52 -29.91
CA TRP C 14 21.55 -7.38 -29.07
C TRP C 14 22.84 -6.80 -28.55
N TYR C 15 23.00 -5.51 -28.80
CA TYR C 15 24.19 -4.78 -28.39
C TYR C 15 24.13 -4.28 -26.94
N ARG C 16 22.94 -3.93 -26.46
CA ARG C 16 22.71 -3.79 -25.02
C ARG C 16 22.32 -5.12 -24.42
N VAL C 17 23.09 -5.61 -23.46
CA VAL C 17 22.75 -6.86 -22.75
C VAL C 17 22.86 -6.69 -21.23
N LEU C 18 22.66 -7.79 -20.51
CA LEU C 18 22.54 -7.73 -19.06
C LEU C 18 23.64 -8.59 -18.40
N GLU C 19 24.12 -8.18 -17.23
CA GLU C 19 25.00 -9.05 -16.47
C GLU C 19 24.47 -10.49 -16.44
N LYS C 20 25.39 -11.44 -16.58
CA LYS C 20 25.10 -12.88 -16.64
C LYS C 20 24.60 -13.35 -18.01
N ASP C 21 24.38 -12.42 -18.95
CA ASP C 21 24.04 -12.82 -20.33
C ASP C 21 25.27 -13.46 -21.04
N SER C 22 24.97 -14.27 -22.06
CA SER C 22 25.98 -14.80 -22.97
C SER C 22 25.98 -13.95 -24.22
N VAL C 23 27.16 -13.59 -24.68
CA VAL C 23 27.30 -13.13 -26.05
C VAL C 23 28.28 -14.03 -26.79
N THR C 24 28.27 -13.86 -28.11
CA THR C 24 29.14 -14.54 -29.03
C THR C 24 29.43 -13.52 -30.12
N LEU C 25 30.72 -13.22 -30.29
CA LEU C 25 31.15 -12.25 -31.28
C LEU C 25 31.79 -12.96 -32.48
N LYS C 26 31.25 -12.69 -33.66
CA LYS C 26 31.79 -13.20 -34.90
C LYS C 26 32.69 -12.12 -35.53
N CYS C 27 33.83 -12.54 -36.06
CA CYS C 27 34.76 -11.63 -36.74
C CYS C 27 34.61 -11.84 -38.25
N GLN C 28 34.58 -10.73 -39.01
CA GLN C 28 34.53 -10.80 -40.47
C GLN C 28 35.76 -10.13 -41.12
N GLN C 39 42.15 -11.94 -34.69
CA GLN C 39 42.78 -11.15 -33.60
C GLN C 39 41.90 -9.98 -33.08
N TRP C 40 41.59 -9.97 -31.78
CA TRP C 40 40.60 -9.04 -31.21
C TRP C 40 41.17 -8.00 -30.23
N PHE C 41 40.71 -6.77 -30.36
CA PHE C 41 41.05 -5.67 -29.45
C PHE C 41 39.82 -5.36 -28.57
N HIS C 42 39.87 -5.68 -27.28
CA HIS C 42 38.84 -5.23 -26.30
C HIS C 42 39.27 -3.87 -25.74
N ASN C 43 38.61 -2.79 -26.18
CA ASN C 43 38.91 -1.40 -25.76
C ASN C 43 40.28 -0.90 -26.28
N GLU C 44 40.63 -1.34 -27.50
CA GLU C 44 41.98 -1.17 -28.07
C GLU C 44 43.06 -1.87 -27.24
N SER C 45 43.00 -3.21 -27.17
CA SER C 45 44.03 -4.03 -26.49
C SER C 45 44.17 -5.41 -27.18
N LEU C 46 44.25 -6.50 -26.42
CA LEU C 46 44.23 -7.84 -26.98
C LEU C 46 43.55 -8.76 -25.98
N ILE C 47 43.54 -10.06 -26.27
CA ILE C 47 42.77 -11.01 -25.50
C ILE C 47 43.41 -12.39 -25.56
N SER C 48 43.13 -13.21 -24.54
CA SER C 48 43.74 -14.54 -24.34
C SER C 48 43.69 -15.45 -25.58
N SER C 49 42.66 -15.27 -26.40
CA SER C 49 42.46 -16.03 -27.62
C SER C 49 42.39 -15.12 -28.86
N GLN C 50 42.84 -15.61 -30.01
CA GLN C 50 42.57 -14.99 -31.32
C GLN C 50 41.80 -15.99 -32.21
N ALA C 51 40.99 -16.84 -31.58
CA ALA C 51 40.14 -17.80 -32.30
C ALA C 51 39.08 -17.07 -33.12
N SER C 52 38.25 -17.82 -33.83
CA SER C 52 37.33 -17.23 -34.81
C SER C 52 36.24 -16.32 -34.20
N SER C 53 35.79 -16.71 -33.00
CA SER C 53 34.74 -15.99 -32.28
C SER C 53 35.03 -15.95 -30.77
N TYR C 54 35.14 -14.74 -30.21
CA TYR C 54 35.28 -14.58 -28.76
C TYR C 54 33.94 -14.87 -28.05
N PHE C 55 33.96 -15.87 -27.17
CA PHE C 55 32.76 -16.27 -26.45
C PHE C 55 32.76 -15.64 -25.04
N ILE C 56 31.83 -14.71 -24.80
CA ILE C 56 31.58 -14.20 -23.46
C ILE C 56 30.47 -15.05 -22.87
N ASP C 57 30.76 -15.64 -21.73
CA ASP C 57 29.91 -16.61 -21.11
C ASP C 57 28.83 -15.93 -20.27
N ALA C 58 29.26 -15.11 -19.31
CA ALA C 58 28.40 -14.53 -18.30
C ALA C 58 28.86 -13.11 -18.02
N ALA C 59 28.38 -12.19 -18.84
CA ALA C 59 28.85 -10.80 -18.86
C ALA C 59 28.90 -10.05 -17.52
N THR C 60 29.75 -9.04 -17.47
CA THR C 60 29.77 -8.07 -16.37
C THR C 60 30.10 -6.73 -16.97
N VAL C 61 29.97 -5.67 -16.17
CA VAL C 61 30.11 -4.31 -16.74
C VAL C 61 31.44 -4.17 -17.47
N ASP C 62 32.48 -4.87 -16.99
CA ASP C 62 33.82 -4.83 -17.59
C ASP C 62 33.91 -5.40 -19.01
N ASP C 63 32.96 -6.25 -19.40
CA ASP C 63 32.90 -6.68 -20.78
C ASP C 63 32.33 -5.59 -21.70
N SER C 64 31.80 -4.50 -21.13
CA SER C 64 31.28 -3.40 -21.96
C SER C 64 32.41 -2.84 -22.79
N GLY C 65 32.08 -1.91 -23.68
CA GLY C 65 33.06 -1.05 -24.32
C GLY C 65 32.99 -1.15 -25.83
N GLU C 66 34.16 -0.98 -26.48
CA GLU C 66 34.30 -1.02 -27.94
C GLU C 66 35.12 -2.24 -28.36
N TYR C 67 34.60 -3.04 -29.27
CA TYR C 67 35.30 -4.22 -29.78
C TYR C 67 35.65 -4.06 -31.27
N ARG C 68 36.83 -4.59 -31.65
CA ARG C 68 37.31 -4.62 -33.04
C ARG C 68 38.00 -5.96 -33.31
N CYS C 69 38.27 -6.25 -34.58
CA CYS C 69 39.04 -7.45 -34.91
C CYS C 69 39.82 -7.39 -36.23
N GLN C 70 40.68 -8.38 -36.43
CA GLN C 70 41.29 -8.64 -37.74
C GLN C 70 41.79 -10.09 -37.89
N THR C 71 41.74 -10.58 -39.13
CA THR C 71 42.31 -11.87 -39.51
C THR C 71 43.55 -11.58 -40.35
N GLN C 72 44.39 -12.60 -40.54
CA GLN C 72 45.53 -12.51 -41.44
C GLN C 72 45.13 -11.85 -42.77
N LEU C 73 43.96 -12.26 -43.31
CA LEU C 73 43.47 -11.77 -44.61
C LEU C 73 42.65 -10.46 -44.59
N SER C 74 42.38 -9.88 -43.42
CA SER C 74 41.53 -8.68 -43.35
C SER C 74 42.09 -7.62 -42.40
N THR C 75 41.67 -6.39 -42.63
CA THR C 75 42.23 -5.24 -41.92
C THR C 75 41.57 -5.02 -40.56
N LEU C 76 41.72 -3.80 -40.02
CA LEU C 76 41.09 -3.40 -38.77
C LEU C 76 39.59 -3.15 -38.95
N SER C 77 38.78 -3.98 -38.29
CA SER C 77 37.32 -3.96 -38.44
C SER C 77 36.72 -2.66 -37.91
N ASP C 78 35.46 -2.41 -38.25
CA ASP C 78 34.75 -1.23 -37.75
C ASP C 78 34.69 -1.25 -36.20
N PRO C 79 34.31 -0.10 -35.57
CA PRO C 79 34.05 -0.04 -34.12
C PRO C 79 32.61 -0.47 -33.74
N VAL C 80 32.48 -1.44 -32.84
CA VAL C 80 31.17 -2.03 -32.45
C VAL C 80 30.95 -2.04 -30.91
N GLN C 81 30.08 -1.14 -30.44
CA GLN C 81 29.87 -0.88 -28.99
C GLN C 81 28.98 -1.98 -28.27
N LEU C 82 29.42 -2.42 -27.08
CA LEU C 82 28.72 -3.45 -26.31
C LEU C 82 28.43 -2.92 -24.92
N GLU C 83 27.19 -2.45 -24.69
CA GLU C 83 26.72 -1.99 -23.36
C GLU C 83 26.19 -3.14 -22.49
N VAL C 84 26.92 -3.46 -21.44
CA VAL C 84 26.44 -4.38 -20.44
C VAL C 84 25.76 -3.49 -19.42
N HIS C 85 24.56 -3.88 -19.02
CA HIS C 85 23.76 -3.12 -18.09
C HIS C 85 23.48 -3.96 -16.87
N ILE C 86 22.89 -3.30 -15.85
CA ILE C 86 22.48 -3.95 -14.60
C ILE C 86 20.97 -3.77 -14.34
N GLY C 87 20.31 -4.86 -13.99
CA GLY C 87 18.89 -4.79 -13.69
C GLY C 87 18.16 -6.09 -13.90
N TRP C 88 16.91 -6.07 -13.51
CA TRP C 88 15.94 -7.10 -13.84
C TRP C 88 15.53 -7.08 -15.30
N LEU C 89 15.46 -5.91 -15.88
CA LEU C 89 14.89 -5.80 -17.18
C LEU C 89 15.71 -4.86 -18.01
N LEU C 90 15.89 -5.23 -19.26
CA LEU C 90 16.54 -4.40 -20.25
C LEU C 90 15.75 -4.52 -21.53
N LEU C 91 15.42 -3.37 -22.10
CA LEU C 91 14.65 -3.32 -23.32
C LEU C 91 15.63 -3.27 -24.47
N GLN C 92 15.66 -4.34 -25.26
CA GLN C 92 16.60 -4.49 -26.36
C GLN C 92 15.94 -4.22 -27.69
N ALA C 93 16.64 -3.51 -28.57
CA ALA C 93 16.30 -3.45 -29.98
C ALA C 93 17.58 -3.62 -30.77
N PRO C 94 17.50 -3.78 -32.10
CA PRO C 94 18.72 -3.80 -32.91
C PRO C 94 19.37 -2.40 -33.09
N ARG C 95 18.61 -1.34 -32.80
CA ARG C 95 19.08 0.04 -32.86
C ARG C 95 17.91 0.94 -32.51
N TRP C 96 18.16 2.24 -32.38
CA TRP C 96 17.16 3.19 -31.84
C TRP C 96 16.68 4.22 -32.84
N VAL C 97 17.06 4.04 -34.10
CA VAL C 97 16.69 4.97 -35.15
C VAL C 97 16.23 4.17 -36.34
N PHE C 98 15.00 4.45 -36.75
CA PHE C 98 14.30 3.70 -37.79
C PHE C 98 13.74 4.63 -38.87
N LYS C 99 13.59 4.10 -40.09
CA LYS C 99 12.90 4.85 -41.15
C LYS C 99 11.46 4.31 -41.35
N GLU C 100 10.57 5.18 -41.85
CA GLU C 100 9.16 4.86 -42.00
C GLU C 100 9.00 3.52 -42.67
N GLU C 101 8.08 2.72 -42.16
CA GLU C 101 7.85 1.36 -42.68
C GLU C 101 8.90 0.30 -42.33
N ASP C 102 10.02 0.67 -41.69
CA ASP C 102 10.89 -0.36 -41.11
C ASP C 102 10.15 -1.20 -40.05
N PRO C 103 10.62 -2.42 -39.84
CA PRO C 103 10.12 -3.23 -38.77
C PRO C 103 10.85 -2.93 -37.46
N ILE C 104 10.12 -2.79 -36.35
CA ILE C 104 10.72 -2.49 -35.04
C ILE C 104 10.55 -3.68 -34.09
N HIS C 105 11.64 -4.15 -33.52
CA HIS C 105 11.65 -5.40 -32.77
C HIS C 105 12.23 -5.17 -31.38
N LEU C 106 11.36 -5.23 -30.38
CA LEU C 106 11.74 -5.01 -28.99
C LEU C 106 11.68 -6.33 -28.25
N ARG C 107 12.53 -6.46 -27.26
CA ARG C 107 12.57 -7.66 -26.46
C ARG C 107 12.74 -7.16 -25.05
N CYS C 108 11.93 -7.69 -24.14
CA CYS C 108 11.93 -7.14 -22.81
C CYS C 108 12.70 -8.12 -22.01
N HIS C 109 14.02 -8.00 -22.02
CA HIS C 109 14.85 -9.06 -21.54
C HIS C 109 14.97 -9.03 -20.06
N SER C 110 14.71 -10.19 -19.45
CA SER C 110 14.94 -10.39 -18.01
C SER C 110 16.32 -10.99 -17.67
N TRP C 111 16.93 -10.41 -16.64
CA TRP C 111 18.08 -10.96 -15.93
C TRP C 111 17.90 -12.43 -15.81
N LYS C 112 18.90 -13.19 -16.22
CA LYS C 112 18.89 -14.68 -16.27
C LYS C 112 17.65 -15.29 -16.88
N ASN C 113 17.00 -14.55 -17.78
CA ASN C 113 15.79 -15.07 -18.38
C ASN C 113 14.85 -15.59 -17.32
N THR C 114 14.76 -14.82 -16.25
CA THR C 114 13.85 -15.16 -15.22
C THR C 114 12.48 -14.93 -15.81
N ALA C 115 11.58 -15.87 -15.55
CA ALA C 115 10.22 -15.81 -16.04
C ALA C 115 9.61 -14.51 -15.64
N LEU C 116 9.09 -13.83 -16.64
CA LEU C 116 8.45 -12.56 -16.47
C LEU C 116 7.05 -12.75 -16.97
N HIS C 117 6.06 -12.39 -16.15
CA HIS C 117 4.64 -12.49 -16.55
C HIS C 117 3.98 -11.10 -16.43
N LYS C 118 2.83 -10.94 -17.05
CA LYS C 118 2.10 -9.66 -17.05
C LYS C 118 2.93 -8.49 -17.58
N VAL C 119 3.32 -8.62 -18.83
CA VAL C 119 4.35 -7.76 -19.41
C VAL C 119 3.75 -6.63 -20.23
N THR C 120 4.15 -5.41 -19.93
CA THR C 120 3.63 -4.27 -20.64
C THR C 120 4.75 -3.48 -21.23
N TYR C 121 4.65 -3.23 -22.54
CA TYR C 121 5.56 -2.34 -23.23
C TYR C 121 4.90 -0.98 -23.33
N LEU C 122 5.53 0.04 -22.75
CA LEU C 122 4.97 1.39 -22.64
C LEU C 122 5.62 2.35 -23.62
N GLN C 123 4.85 3.32 -24.11
CA GLN C 123 5.39 4.39 -24.95
C GLN C 123 4.98 5.73 -24.39
N ASN C 124 5.95 6.55 -24.02
CA ASN C 124 5.63 7.87 -23.48
C ASN C 124 4.68 7.81 -22.29
N GLY C 125 4.90 6.85 -21.40
CA GLY C 125 4.11 6.70 -20.18
C GLY C 125 2.79 5.98 -20.34
N LYS C 126 2.34 5.80 -21.59
CA LYS C 126 1.06 5.16 -21.87
C LYS C 126 1.28 3.72 -22.31
N GLY C 127 0.48 2.82 -21.77
CA GLY C 127 0.63 1.40 -22.09
C GLY C 127 0.31 1.25 -23.55
N ARG C 128 1.08 0.42 -24.24
CA ARG C 128 0.94 0.29 -25.69
C ARG C 128 0.60 -1.14 -26.11
N LYS C 129 1.16 -2.13 -25.39
CA LYS C 129 0.84 -3.51 -25.63
C LYS C 129 1.08 -4.34 -24.37
N TYR C 130 0.19 -5.30 -24.11
CA TYR C 130 0.27 -6.14 -22.90
C TYR C 130 0.31 -7.63 -23.24
N PHE C 131 1.02 -8.40 -22.44
CA PHE C 131 1.16 -9.82 -22.72
C PHE C 131 1.06 -10.55 -21.41
N HIS C 132 0.41 -11.71 -21.41
CA HIS C 132 0.27 -12.46 -20.17
C HIS C 132 1.56 -13.05 -19.77
N HIS C 133 2.27 -13.62 -20.73
CA HIS C 133 3.62 -14.10 -20.50
C HIS C 133 4.54 -13.29 -21.39
N ASN C 134 5.82 -13.25 -21.09
CA ASN C 134 6.74 -12.42 -21.88
C ASN C 134 6.72 -12.77 -23.37
N SER C 135 6.71 -11.74 -24.22
CA SER C 135 6.97 -11.91 -25.66
C SER C 135 7.65 -10.68 -26.15
N ASP C 136 8.45 -10.86 -27.17
CA ASP C 136 8.91 -9.74 -27.90
C ASP C 136 7.70 -8.93 -28.43
N PHE C 137 7.94 -7.64 -28.65
CA PHE C 137 6.94 -6.78 -29.24
C PHE C 137 7.44 -6.30 -30.56
N TYR C 138 6.78 -6.72 -31.63
CA TYR C 138 7.26 -6.53 -33.01
C TYR C 138 6.32 -5.56 -33.66
N ILE C 139 6.84 -4.46 -34.18
CA ILE C 139 6.04 -3.57 -34.99
C ILE C 139 6.53 -3.75 -36.42
N PRO C 140 5.66 -4.28 -37.31
CA PRO C 140 6.15 -4.62 -38.64
C PRO C 140 6.27 -3.42 -39.58
N LYS C 141 5.51 -2.35 -39.32
CA LYS C 141 5.38 -1.23 -40.27
C LYS C 141 5.44 0.14 -39.56
N ALA C 142 6.65 0.67 -39.37
CA ALA C 142 6.83 1.84 -38.50
C ALA C 142 6.28 3.15 -39.09
N THR C 143 5.88 4.05 -38.22
CA THR C 143 5.28 5.32 -38.61
C THR C 143 5.89 6.43 -37.75
N LEU C 144 5.59 7.68 -38.07
CA LEU C 144 6.03 8.80 -37.23
C LEU C 144 5.45 8.73 -35.84
N LYS C 145 4.27 8.12 -35.70
CA LYS C 145 3.60 7.99 -34.38
C LYS C 145 4.32 7.07 -33.39
N ASP C 146 5.27 6.27 -33.88
CA ASP C 146 6.05 5.36 -33.05
C ASP C 146 7.28 6.00 -32.43
N SER C 147 7.47 7.30 -32.64
CA SER C 147 8.56 8.01 -32.01
C SER C 147 8.18 8.32 -30.60
N GLY C 148 9.06 7.95 -29.66
CA GLY C 148 8.88 8.36 -28.27
C GLY C 148 9.81 7.61 -27.36
N SER C 149 9.56 7.67 -26.06
CA SER C 149 10.36 6.92 -25.08
C SER C 149 9.57 5.71 -24.63
N TYR C 150 10.26 4.60 -24.49
CA TYR C 150 9.67 3.32 -24.19
C TYR C 150 10.40 2.65 -23.06
N PHE C 151 9.66 1.89 -22.28
CA PHE C 151 10.26 0.90 -21.43
C PHE C 151 9.28 -0.21 -21.27
N CYS C 152 9.74 -1.35 -20.79
CA CYS C 152 8.83 -2.42 -20.44
C CYS C 152 8.77 -2.62 -18.93
N ARG C 153 7.81 -3.42 -18.49
CA ARG C 153 7.69 -3.78 -17.07
C ARG C 153 6.84 -5.00 -16.96
N GLY C 154 6.82 -5.59 -15.78
CA GLY C 154 6.12 -6.83 -15.55
C GLY C 154 6.47 -7.42 -14.21
N LEU C 155 6.13 -8.70 -14.05
CA LEU C 155 6.19 -9.31 -12.77
C LEU C 155 7.13 -10.47 -12.80
N VAL C 156 8.09 -10.43 -11.88
CA VAL C 156 8.95 -11.57 -11.59
C VAL C 156 8.50 -12.13 -10.25
N GLY C 157 7.99 -13.35 -10.24
CA GLY C 157 7.23 -13.80 -9.08
C GLY C 157 6.16 -12.74 -8.76
N SER C 158 6.17 -12.24 -7.52
CA SER C 158 5.25 -11.19 -7.10
C SER C 158 5.87 -9.80 -7.22
N LYS C 159 7.13 -9.71 -7.63
CA LYS C 159 7.84 -8.46 -7.58
C LYS C 159 7.64 -7.73 -8.89
N ASN C 160 7.30 -6.46 -8.80
CA ASN C 160 7.03 -5.63 -9.95
C ASN C 160 8.31 -4.88 -10.29
N VAL C 161 8.80 -5.13 -11.52
CA VAL C 161 10.06 -4.56 -11.99
C VAL C 161 9.90 -3.83 -13.32
N SER C 162 10.76 -2.84 -13.55
CA SER C 162 10.70 -2.08 -14.79
C SER C 162 12.10 -1.89 -15.37
N SER C 163 12.18 -1.76 -16.69
CA SER C 163 13.44 -1.60 -17.43
C SER C 163 13.70 -0.12 -17.53
N GLU C 164 14.93 0.30 -17.86
CA GLU C 164 15.19 1.73 -18.04
C GLU C 164 14.48 2.17 -19.32
N THR C 165 14.36 3.49 -19.54
CA THR C 165 13.77 3.96 -20.81
C THR C 165 14.78 4.05 -21.92
N VAL C 166 14.29 4.10 -23.14
CA VAL C 166 15.16 4.21 -24.32
C VAL C 166 14.39 5.04 -25.30
N GLN C 167 15.09 5.91 -26.00
CA GLN C 167 14.46 6.83 -26.92
C GLN C 167 14.53 6.28 -28.33
N ILE C 168 13.38 6.12 -28.96
CA ILE C 168 13.28 5.64 -30.34
C ILE C 168 12.82 6.79 -31.17
N THR C 169 13.46 6.96 -32.31
CA THR C 169 13.17 8.10 -33.16
C THR C 169 13.12 7.58 -34.62
N ILE C 170 12.21 8.20 -35.39
CA ILE C 170 11.78 7.68 -36.70
C ILE C 170 11.98 8.74 -37.81
N THR C 171 12.95 8.49 -38.72
CA THR C 171 13.21 9.39 -39.86
C THR C 171 12.19 9.15 -40.99
N GLN C 172 12.37 9.77 -42.17
CA GLN C 172 11.39 9.68 -43.27
C GLN C 172 11.94 9.01 -44.52
#